data_4EA1
#
_entry.id   4EA1
#
_cell.length_a   80.615
_cell.length_b   80.615
_cell.length_c   91.604
_cell.angle_alpha   90.00
_cell.angle_beta   90.00
_cell.angle_gamma   120.00
#
_symmetry.space_group_name_H-M   'P 32 2 1'
#
loop_
_entity.id
_entity.type
_entity.pdbx_description
1 polymer 'Dehydrosqualene synthase'
2 non-polymer "N-[(2E)-3,7-dimethylocta-2,6-dien-1-yl]-N'-[(1R,3S,5R,7R)-tricyclo[3.3.1.1~3,7~]dec-2-yl]ethane-1,2-diamine"
3 water water
#
_entity_poly.entity_id   1
_entity_poly.type   'polypeptide(L)'
_entity_poly.pdbx_seq_one_letter_code
;MTMMDMNFKYCHKIMKKHSKSFSYAFDLLPEDQRKAVWAIYAVCRKIDDSIDVYGDIQFLNQIKEDIQSIEKYPYEYHHF
QSDRRIMMALQHVAQHKNIAFQSFYNLIDTVYKDQHFTMFETDAELFGYCYGVAGTVGEVLTPILSDHETHQTYDVARRL
GESLQLINILRDVGEDFENERIYFSKQRLKQYEVDIAEVYQNGVNNHYIDLWEYYAAIAEKDFRDVMDQIKVFSIEAQPI
IELAARIYIEILDEVRQANYTLHERVFVEKRKKAKLFHEINSKYHRI
;
_entity_poly.pdbx_strand_id   A
#
loop_
_chem_comp.id
_chem_comp.type
_chem_comp.name
_chem_comp.formula
3RX non-polymer N-[(2E)-3,7-dimethylocta-2,6-dien-1-yl]-N'-[(1R,3S,5R,7R)-tricyclo[3.3.1.1~3,7~]dec-2-yl]ethane-1,2-diamine 'C22 H38 N2'
#
# COMPACT_ATOMS: atom_id res chain seq x y z
N MET A 1 -16.53 7.56 24.86
CA MET A 1 -15.76 7.86 23.62
C MET A 1 -15.35 9.33 23.56
N THR A 2 -14.08 9.59 23.81
CA THR A 2 -13.55 10.94 23.75
C THR A 2 -13.51 11.40 22.29
N MET A 3 -13.39 12.70 22.08
CA MET A 3 -13.30 13.29 20.74
C MET A 3 -12.19 12.70 19.89
N MET A 4 -11.00 12.53 20.47
CA MET A 4 -9.91 11.92 19.74
C MET A 4 -10.29 10.50 19.29
N ASP A 5 -11.03 9.79 20.13
CA ASP A 5 -11.52 8.46 19.78
C ASP A 5 -12.44 8.50 18.57
N MET A 6 -13.25 9.55 18.48
CA MET A 6 -14.14 9.68 17.34
C MET A 6 -13.29 9.82 16.08
N ASN A 7 -12.31 10.73 16.13
CA ASN A 7 -11.35 10.89 15.05
C ASN A 7 -10.75 9.56 14.58
N PHE A 8 -10.17 8.80 15.50
CA PHE A 8 -9.61 7.51 15.11
C PHE A 8 -10.65 6.59 14.51
N LYS A 9 -11.90 6.72 14.97
CA LYS A 9 -12.95 5.85 14.47
C LYS A 9 -13.37 6.25 13.06
N TYR A 10 -13.29 7.55 12.76
CA TYR A 10 -13.46 7.99 11.38
C TYR A 10 -12.38 7.33 10.51
N CYS A 11 -11.13 7.43 10.96
CA CYS A 11 -9.99 6.81 10.26
C CYS A 11 -10.20 5.32 10.07
N HIS A 12 -10.69 4.66 11.11
CA HIS A 12 -11.02 3.24 11.00
C HIS A 12 -12.00 2.97 9.86
N LYS A 13 -13.10 3.72 9.85
CA LYS A 13 -14.15 3.56 8.85
C LYS A 13 -13.61 3.70 7.43
N ILE A 14 -12.75 4.69 7.23
CA ILE A 14 -12.17 4.95 5.92
C ILE A 14 -11.39 3.73 5.46
N MET A 15 -10.77 3.03 6.40
CA MET A 15 -9.84 1.96 6.08
C MET A 15 -10.54 0.63 5.75
N LYS A 16 -11.59 0.29 6.48
CA LYS A 16 -12.34 -0.96 6.20
C LYS A 16 -13.29 -0.80 5.01
N LYS A 17 -13.59 0.44 4.66
CA LYS A 17 -14.38 0.71 3.48
C LYS A 17 -13.54 0.45 2.22
N HIS A 18 -12.28 0.90 2.25
CA HIS A 18 -11.49 0.97 1.03
C HIS A 18 -10.43 -0.12 0.82
N SER A 19 -10.07 -0.86 1.86
CA SER A 19 -9.11 -1.95 1.71
C SER A 19 -9.34 -3.05 2.73
N LYS A 20 -10.23 -3.98 2.37
CA LYS A 20 -10.64 -5.05 3.26
C LYS A 20 -9.46 -5.82 3.81
N SER A 21 -8.50 -6.11 2.93
CA SER A 21 -7.35 -6.94 3.28
C SER A 21 -6.54 -6.37 4.43
N PHE A 22 -5.98 -5.17 4.23
CA PHE A 22 -5.08 -4.61 5.22
C PHE A 22 -5.85 -4.35 6.50
N SER A 23 -7.10 -3.94 6.33
CA SER A 23 -8.00 -3.73 7.45
C SER A 23 -8.13 -5.00 8.27
N TYR A 24 -8.46 -6.10 7.59
CA TYR A 24 -8.65 -7.38 8.27
C TYR A 24 -7.42 -7.78 9.08
N ALA A 25 -6.24 -7.54 8.52
CA ALA A 25 -5.00 -7.91 9.17
C ALA A 25 -4.61 -6.93 10.26
N PHE A 26 -4.64 -5.63 9.95
CA PHE A 26 -4.07 -4.65 10.86
C PHE A 26 -4.92 -4.41 12.10
N ASP A 27 -6.22 -4.56 11.96
CA ASP A 27 -7.12 -4.45 13.09
C ASP A 27 -6.80 -5.45 14.20
N LEU A 28 -5.96 -6.44 13.90
CA LEU A 28 -5.63 -7.46 14.90
C LEU A 28 -4.50 -7.02 15.81
N LEU A 29 -3.96 -5.82 15.55
CA LEU A 29 -2.89 -5.27 16.36
C LEU A 29 -3.42 -4.80 17.71
N PRO A 30 -2.51 -4.55 18.67
CA PRO A 30 -2.93 -3.99 19.95
C PRO A 30 -3.49 -2.58 19.78
N GLU A 31 -4.61 -2.31 20.44
CA GLU A 31 -5.28 -1.00 20.39
C GLU A 31 -4.40 0.17 19.93
N ASP A 32 -3.30 0.43 20.63
CA ASP A 32 -2.48 1.62 20.36
C ASP A 32 -1.82 1.64 18.98
N GLN A 33 -1.47 0.47 18.47
CA GLN A 33 -0.75 0.39 17.21
C GLN A 33 -1.69 0.35 16.03
N ARG A 34 -2.87 -0.22 16.23
CA ARG A 34 -3.82 -0.28 15.14
C ARG A 34 -4.43 1.10 14.89
N LYS A 35 -4.59 1.86 15.96
CA LYS A 35 -5.13 3.21 15.82
C LYS A 35 -4.17 4.06 15.03
N ALA A 36 -2.88 3.92 15.34
CA ALA A 36 -1.85 4.67 14.61
C ALA A 36 -1.92 4.26 13.14
N VAL A 37 -2.04 2.96 12.88
CA VAL A 37 -2.15 2.49 11.50
C VAL A 37 -3.36 3.07 10.80
N TRP A 38 -4.53 3.01 11.45
CA TRP A 38 -5.75 3.56 10.84
C TRP A 38 -5.49 4.97 10.37
N ALA A 39 -4.83 5.74 11.22
CA ALA A 39 -4.56 7.15 10.97
C ALA A 39 -3.60 7.38 9.81
N ILE A 40 -2.53 6.60 9.75
CA ILE A 40 -1.58 6.71 8.64
C ILE A 40 -2.27 6.33 7.36
N TYR A 41 -3.10 5.28 7.43
CA TYR A 41 -3.82 4.84 6.24
C TYR A 41 -4.74 5.93 5.70
N ALA A 42 -5.54 6.51 6.58
CA ALA A 42 -6.51 7.51 6.15
C ALA A 42 -5.82 8.71 5.53
N VAL A 43 -4.69 9.11 6.10
CA VAL A 43 -3.97 10.22 5.49
C VAL A 43 -3.50 9.80 4.11
N CYS A 44 -3.04 8.56 3.98
CA CYS A 44 -2.60 8.09 2.68
C CYS A 44 -3.76 8.02 1.68
N ARG A 45 -4.87 7.41 2.11
CA ARG A 45 -6.07 7.33 1.29
C ARG A 45 -6.48 8.70 0.75
N LYS A 46 -6.48 9.68 1.63
CA LYS A 46 -6.91 11.02 1.30
C LYS A 46 -5.98 11.67 0.32
N ILE A 47 -4.71 11.29 0.37
CA ILE A 47 -3.74 11.78 -0.60
C ILE A 47 -4.06 11.14 -1.96
N ASP A 48 -4.39 9.84 -1.92
CA ASP A 48 -4.73 9.11 -3.13
C ASP A 48 -5.92 9.70 -3.88
N ASP A 49 -6.90 10.19 -3.12
CA ASP A 49 -8.15 10.65 -3.71
C ASP A 49 -8.20 12.15 -4.00
N SER A 50 -7.25 12.90 -3.44
CA SER A 50 -7.24 14.36 -3.60
C SER A 50 -7.38 14.79 -5.06
N ILE A 51 -7.41 13.79 -5.94
CA ILE A 51 -7.55 13.98 -7.38
C ILE A 51 -8.97 14.44 -7.72
N ASP A 52 -9.92 13.52 -7.56
CA ASP A 52 -11.34 13.78 -7.73
C ASP A 52 -11.86 14.75 -6.68
N ILE A 57 -3.11 20.18 -7.35
CA ILE A 57 -4.52 20.41 -7.09
C ILE A 57 -4.67 21.00 -5.68
N GLN A 58 -5.75 21.77 -5.50
CA GLN A 58 -5.99 22.52 -4.28
C GLN A 58 -5.89 21.67 -3.01
N PHE A 59 -6.71 20.62 -2.96
CA PHE A 59 -6.86 19.82 -1.75
C PHE A 59 -5.59 19.07 -1.39
N LEU A 60 -4.76 18.79 -2.39
CA LEU A 60 -3.52 18.06 -2.12
C LEU A 60 -2.48 18.98 -1.47
N ASN A 61 -2.43 20.22 -1.90
CA ASN A 61 -1.56 21.20 -1.25
C ASN A 61 -1.98 21.41 0.22
N GLN A 62 -3.30 21.43 0.46
CA GLN A 62 -3.84 21.57 1.81
C GLN A 62 -3.40 20.43 2.73
N ILE A 63 -3.46 19.20 2.22
CA ILE A 63 -2.97 18.04 2.97
C ILE A 63 -1.49 18.16 3.25
N LYS A 64 -0.73 18.66 2.28
CA LYS A 64 0.71 18.78 2.45
C LYS A 64 1.01 19.83 3.51
N GLU A 65 0.26 20.92 3.44
CA GLU A 65 0.45 22.00 4.41
C GLU A 65 0.08 21.54 5.82
N ASP A 66 -1.01 20.79 5.95
CA ASP A 66 -1.37 20.22 7.26
C ASP A 66 -0.24 19.35 7.78
N ILE A 67 0.28 18.47 6.93
CA ILE A 67 1.36 17.60 7.36
C ILE A 67 2.59 18.38 7.80
N GLN A 68 2.87 19.51 7.17
CA GLN A 68 4.03 20.31 7.55
C GLN A 68 3.79 21.08 8.85
N SER A 69 2.58 21.56 9.04
CA SER A 69 2.19 22.16 10.33
C SER A 69 2.58 21.23 11.48
N ILE A 70 2.21 19.96 11.33
CA ILE A 70 2.45 18.95 12.35
C ILE A 70 3.94 18.69 12.54
N GLU A 71 4.65 18.52 11.42
CA GLU A 71 6.07 18.20 11.47
C GLU A 71 6.84 19.19 12.32
N LYS A 72 6.58 20.47 12.12
CA LYS A 72 7.39 21.49 12.76
C LYS A 72 6.78 22.08 14.04
N TYR A 73 5.46 21.90 14.22
CA TYR A 73 4.78 22.33 15.44
C TYR A 73 3.85 21.23 15.96
N PRO A 74 4.42 20.11 16.40
CA PRO A 74 3.66 18.94 16.81
C PRO A 74 2.67 19.20 17.95
N TYR A 75 3.03 20.09 18.88
CA TYR A 75 2.24 20.27 20.09
C TYR A 75 1.41 21.56 20.10
N GLU A 76 1.34 22.23 18.96
CA GLU A 76 0.55 23.45 18.86
C GLU A 76 -0.75 23.13 18.15
N TYR A 77 -1.79 23.88 18.45
CA TYR A 77 -3.10 23.64 17.87
C TYR A 77 -3.19 24.24 16.46
N HIS A 78 -3.67 23.44 15.51
CA HIS A 78 -3.78 23.87 14.13
C HIS A 78 -5.23 23.87 13.68
N HIS A 79 -5.54 24.75 12.74
CA HIS A 79 -6.83 24.76 12.07
C HIS A 79 -6.63 24.14 10.71
N PHE A 80 -6.73 22.82 10.64
CA PHE A 80 -6.37 22.08 9.45
C PHE A 80 -7.24 22.45 8.25
N GLN A 81 -6.60 22.62 7.10
CA GLN A 81 -7.31 23.03 5.90
C GLN A 81 -7.98 21.85 5.21
N SER A 82 -7.51 20.64 5.49
CA SER A 82 -8.02 19.47 4.77
C SER A 82 -9.06 18.71 5.59
N ASP A 83 -8.68 17.57 6.16
CA ASP A 83 -9.58 16.80 7.01
C ASP A 83 -9.15 16.91 8.47
N ARG A 84 -9.91 17.65 9.26
CA ARG A 84 -9.56 17.87 10.67
C ARG A 84 -9.36 16.56 11.41
N ARG A 85 -10.34 15.67 11.31
CA ARG A 85 -10.33 14.41 12.03
C ARG A 85 -9.10 13.56 11.72
N ILE A 86 -8.73 13.52 10.45
CA ILE A 86 -7.55 12.77 10.02
C ILE A 86 -6.30 13.42 10.55
N MET A 87 -6.20 14.74 10.42
CA MET A 87 -5.01 15.43 10.86
C MET A 87 -4.88 15.44 12.39
N MET A 88 -6.00 15.54 13.10
CA MET A 88 -5.98 15.46 14.56
C MET A 88 -5.41 14.12 15.01
N ALA A 89 -5.87 13.05 14.38
CA ALA A 89 -5.35 11.73 14.70
C ALA A 89 -3.88 11.64 14.35
N LEU A 90 -3.50 12.11 13.15
CA LEU A 90 -2.11 12.01 12.75
C LEU A 90 -1.21 12.75 13.71
N GLN A 91 -1.68 13.88 14.21
CA GLN A 91 -0.87 14.71 15.10
C GLN A 91 -0.69 14.04 16.46
N HIS A 92 -1.75 13.38 16.92
CA HIS A 92 -1.69 12.59 18.14
C HIS A 92 -0.64 11.48 18.00
N VAL A 93 -0.64 10.80 16.85
CA VAL A 93 0.34 9.76 16.60
C VAL A 93 1.77 10.32 16.67
N ALA A 94 2.01 11.40 15.92
CA ALA A 94 3.32 12.02 15.84
C ALA A 94 3.88 12.49 17.20
N GLN A 95 2.98 12.71 18.16
CA GLN A 95 3.42 13.14 19.49
C GLN A 95 4.06 12.00 20.25
N HIS A 96 3.83 10.78 19.79
CA HIS A 96 4.27 9.60 20.52
C HIS A 96 5.22 8.71 19.73
N LYS A 97 5.31 8.95 18.43
CA LYS A 97 6.18 8.13 17.56
C LYS A 97 6.93 8.99 16.55
N ASN A 98 8.06 8.49 16.07
CA ASN A 98 8.91 9.22 15.15
C ASN A 98 8.54 9.03 13.67
N ILE A 99 7.54 9.78 13.20
CA ILE A 99 7.07 9.71 11.82
C ILE A 99 8.06 10.26 10.79
N ALA A 100 8.28 9.51 9.71
CA ALA A 100 9.14 9.95 8.62
C ALA A 100 8.37 10.83 7.66
N PHE A 101 8.22 12.09 8.02
CA PHE A 101 7.48 13.01 7.19
C PHE A 101 7.97 13.05 5.73
N GLN A 102 9.27 12.97 5.51
CA GLN A 102 9.77 13.02 4.13
C GLN A 102 9.11 11.95 3.25
N SER A 103 8.73 10.83 3.86
CA SER A 103 8.05 9.77 3.11
C SER A 103 6.65 10.19 2.66
N PHE A 104 5.93 10.88 3.54
CA PHE A 104 4.67 11.48 3.11
C PHE A 104 4.91 12.42 1.92
N TYR A 105 5.93 13.27 2.03
CA TYR A 105 6.20 14.21 0.95
C TYR A 105 6.58 13.45 -0.32
N ASN A 106 7.32 12.36 -0.17
CA ASN A 106 7.59 11.51 -1.34
C ASN A 106 6.33 10.97 -1.96
N LEU A 107 5.43 10.50 -1.12
CA LEU A 107 4.18 9.95 -1.59
C LEU A 107 3.40 11.00 -2.33
N ILE A 108 3.37 12.20 -1.78
CA ILE A 108 2.62 13.30 -2.34
C ILE A 108 3.20 13.73 -3.69
N ASP A 109 4.50 13.96 -3.71
CA ASP A 109 5.20 14.27 -4.95
C ASP A 109 4.83 13.29 -6.04
N THR A 110 4.80 12.00 -5.67
CA THR A 110 4.50 10.94 -6.62
C THR A 110 3.07 11.06 -7.15
N VAL A 111 2.16 11.50 -6.29
CA VAL A 111 0.77 11.68 -6.71
C VAL A 111 0.58 12.90 -7.61
N TYR A 112 1.15 14.05 -7.25
CA TYR A 112 1.23 15.15 -8.20
C TYR A 112 1.51 14.52 -9.58
N LYS A 113 2.66 13.87 -9.69
CA LYS A 113 3.17 13.33 -10.96
C LYS A 113 2.15 12.54 -11.78
N ASP A 114 1.29 11.79 -11.11
CA ASP A 114 0.39 10.89 -11.84
C ASP A 114 -0.44 11.62 -12.90
N GLN A 115 -0.74 12.89 -12.65
CA GLN A 115 -1.54 13.67 -13.60
C GLN A 115 -0.73 14.19 -14.79
N HIS A 116 0.51 13.72 -14.91
CA HIS A 116 1.33 13.91 -16.10
C HIS A 116 1.69 12.52 -16.58
N PHE A 117 0.89 11.54 -16.21
CA PHE A 117 1.27 10.14 -16.39
C PHE A 117 1.86 9.86 -17.75
N THR A 118 3.09 9.38 -17.75
CA THR A 118 3.71 8.86 -18.96
C THR A 118 4.24 7.47 -18.63
N MET A 119 3.95 6.51 -19.51
CA MET A 119 4.39 5.14 -19.33
C MET A 119 5.86 5.08 -18.99
N PHE A 120 6.25 4.05 -18.24
CA PHE A 120 7.61 3.83 -17.84
C PHE A 120 8.43 3.21 -18.96
N GLU A 121 9.60 3.78 -19.23
CA GLU A 121 10.53 3.21 -20.21
C GLU A 121 11.05 1.87 -19.72
N THR A 122 11.45 1.82 -18.46
CA THR A 122 12.11 0.63 -17.94
C THR A 122 11.51 0.20 -16.62
N ASP A 123 11.76 -1.05 -16.22
CA ASP A 123 11.30 -1.53 -14.93
C ASP A 123 11.79 -0.65 -13.77
N ALA A 124 12.89 0.06 -13.98
CA ALA A 124 13.53 0.78 -12.91
C ALA A 124 12.68 1.96 -12.49
N GLU A 125 12.00 2.56 -13.45
CA GLU A 125 11.10 3.68 -13.17
C GLU A 125 9.80 3.11 -12.62
N LEU A 126 9.48 1.89 -13.03
CA LEU A 126 8.33 1.21 -12.47
C LEU A 126 8.58 0.95 -10.99
N PHE A 127 9.79 0.51 -10.68
CA PHE A 127 10.16 0.25 -9.31
C PHE A 127 10.26 1.54 -8.46
N GLY A 128 10.72 2.62 -9.06
CA GLY A 128 10.76 3.91 -8.39
C GLY A 128 9.37 4.46 -8.11
N TYR A 129 8.41 4.08 -8.94
CA TYR A 129 7.04 4.49 -8.71
C TYR A 129 6.45 3.69 -7.53
N CYS A 130 6.74 2.39 -7.53
CA CYS A 130 6.33 1.50 -6.46
C CYS A 130 6.89 1.98 -5.14
N TYR A 131 8.09 2.56 -5.19
CA TYR A 131 8.64 3.19 -4.00
C TYR A 131 7.77 4.35 -3.56
N GLY A 132 7.61 5.33 -4.45
CA GLY A 132 6.98 6.58 -4.11
C GLY A 132 5.56 6.40 -3.58
N VAL A 133 4.87 5.41 -4.12
CA VAL A 133 3.44 5.28 -3.85
C VAL A 133 3.14 4.25 -2.77
N ALA A 134 4.11 3.40 -2.45
CA ALA A 134 3.87 2.34 -1.50
C ALA A 134 5.06 2.08 -0.59
N GLY A 135 6.27 2.12 -1.14
CA GLY A 135 7.45 1.90 -0.32
C GLY A 135 7.47 2.96 0.75
N THR A 136 7.01 4.15 0.39
CA THR A 136 6.93 5.26 1.32
C THR A 136 5.95 4.91 2.44
N VAL A 137 4.84 4.26 2.10
CA VAL A 137 3.91 3.85 3.13
C VAL A 137 4.58 2.93 4.15
N GLY A 138 5.36 1.97 3.66
CA GLY A 138 6.12 1.08 4.52
C GLY A 138 7.02 1.84 5.48
N GLU A 139 7.68 2.88 4.97
CA GLU A 139 8.62 3.63 5.80
C GLU A 139 7.88 4.34 6.94
N VAL A 140 6.75 4.95 6.61
CA VAL A 140 5.96 5.66 7.61
C VAL A 140 5.45 4.75 8.74
N LEU A 141 5.21 3.48 8.41
CA LEU A 141 4.63 2.51 9.33
C LEU A 141 5.66 1.86 10.23
N THR A 142 6.93 2.00 9.88
CA THR A 142 8.00 1.30 10.59
C THR A 142 8.03 1.53 12.11
N PRO A 143 7.94 2.79 12.56
CA PRO A 143 8.00 3.06 13.99
C PRO A 143 6.82 2.46 14.75
N ILE A 144 5.69 2.26 14.05
CA ILE A 144 4.54 1.62 14.64
C ILE A 144 4.78 0.13 14.85
N LEU A 145 5.40 -0.51 13.85
CA LEU A 145 5.48 -1.95 13.78
C LEU A 145 6.76 -2.56 14.35
N SER A 146 7.62 -1.71 14.92
CA SER A 146 8.81 -2.22 15.58
C SER A 146 9.18 -1.33 16.76
N ASP A 147 9.88 -1.91 17.74
CA ASP A 147 10.24 -1.17 18.94
C ASP A 147 11.49 -0.32 18.70
N HIS A 148 12.51 -0.94 18.12
CA HIS A 148 13.74 -0.23 17.80
C HIS A 148 13.98 -0.27 16.30
N GLU A 149 13.68 0.84 15.63
CA GLU A 149 13.85 0.94 14.19
C GLU A 149 15.31 1.05 13.82
N THR A 150 15.74 0.21 12.88
CA THR A 150 17.07 0.32 12.31
C THR A 150 16.88 0.38 10.80
N HIS A 151 17.95 0.72 10.08
CA HIS A 151 17.89 0.79 8.62
C HIS A 151 17.28 -0.49 8.05
N GLN A 152 17.44 -1.60 8.79
CA GLN A 152 16.99 -2.91 8.30
C GLN A 152 15.47 -3.01 8.32
N THR A 153 14.88 -2.54 9.42
CA THR A 153 13.44 -2.45 9.56
C THR A 153 12.86 -1.62 8.42
N TYR A 154 13.40 -0.44 8.20
CA TYR A 154 12.90 0.40 7.13
C TYR A 154 13.06 -0.31 5.79
N ASP A 155 14.23 -0.92 5.57
CA ASP A 155 14.48 -1.57 4.30
C ASP A 155 13.44 -2.65 4.03
N VAL A 156 13.19 -3.52 5.00
CA VAL A 156 12.19 -4.59 4.87
C VAL A 156 10.76 -4.08 4.63
N ALA A 157 10.33 -3.07 5.38
CA ALA A 157 9.02 -2.44 5.22
C ALA A 157 8.89 -1.83 3.84
N ARG A 158 9.97 -1.18 3.43
CA ARG A 158 10.05 -0.54 2.13
C ARG A 158 9.80 -1.60 1.08
N ARG A 159 10.55 -2.70 1.15
CA ARG A 159 10.39 -3.80 0.20
C ARG A 159 9.03 -4.47 0.29
N LEU A 160 8.49 -4.65 1.48
CA LEU A 160 7.17 -5.25 1.55
C LEU A 160 6.16 -4.39 0.79
N GLY A 161 6.20 -3.08 1.00
CA GLY A 161 5.21 -2.19 0.40
C GLY A 161 5.31 -2.16 -1.10
N GLU A 162 6.55 -2.17 -1.61
CA GLU A 162 6.76 -2.10 -3.04
C GLU A 162 6.27 -3.40 -3.65
N SER A 163 6.45 -4.49 -2.93
CA SER A 163 5.99 -5.79 -3.38
C SER A 163 4.46 -5.87 -3.40
N LEU A 164 3.81 -5.32 -2.38
CA LEU A 164 2.35 -5.24 -2.36
C LEU A 164 1.80 -4.39 -3.49
N GLN A 165 2.42 -3.25 -3.74
CA GLN A 165 2.01 -2.43 -4.89
C GLN A 165 2.07 -3.25 -6.16
N LEU A 166 3.20 -3.92 -6.38
CA LEU A 166 3.35 -4.74 -7.57
C LEU A 166 2.21 -5.74 -7.73
N ILE A 167 1.85 -6.42 -6.64
CA ILE A 167 0.70 -7.32 -6.71
C ILE A 167 -0.54 -6.55 -7.11
N ASN A 168 -0.75 -5.41 -6.47
CA ASN A 168 -1.88 -4.56 -6.79
C ASN A 168 -1.94 -4.36 -8.32
N ILE A 169 -0.79 -4.08 -8.91
CA ILE A 169 -0.70 -3.78 -10.33
C ILE A 169 -1.03 -5.04 -11.14
N LEU A 170 -0.48 -6.15 -10.69
CA LEU A 170 -0.76 -7.42 -11.32
C LEU A 170 -2.25 -7.72 -11.28
N ARG A 171 -2.95 -7.20 -10.29
CA ARG A 171 -4.38 -7.51 -10.16
C ARG A 171 -5.27 -6.60 -10.98
N ASP A 172 -4.88 -5.35 -11.15
CA ASP A 172 -5.75 -4.37 -11.79
C ASP A 172 -5.43 -4.09 -13.25
N VAL A 173 -4.71 -4.97 -13.92
CA VAL A 173 -4.38 -4.71 -15.33
C VAL A 173 -5.59 -4.21 -16.12
N GLY A 174 -6.71 -4.92 -16.03
CA GLY A 174 -7.91 -4.53 -16.78
C GLY A 174 -8.40 -3.13 -16.45
N GLU A 175 -8.80 -2.95 -15.19
CA GLU A 175 -9.31 -1.68 -14.69
C GLU A 175 -8.34 -0.55 -15.00
N ASP A 176 -7.05 -0.84 -14.85
CA ASP A 176 -6.05 0.19 -15.04
C ASP A 176 -5.96 0.63 -16.48
N PHE A 177 -6.02 -0.32 -17.41
CA PHE A 177 -6.06 0.04 -18.82
C PHE A 177 -7.23 0.99 -19.10
N GLU A 178 -8.43 0.56 -18.74
CA GLU A 178 -9.62 1.39 -18.93
C GLU A 178 -9.38 2.84 -18.49
N ASN A 179 -8.68 3.02 -17.38
CA ASN A 179 -8.46 4.38 -16.91
C ASN A 179 -7.19 4.94 -17.54
N GLU A 180 -6.83 4.38 -18.68
CA GLU A 180 -5.73 4.87 -19.50
C GLU A 180 -4.38 4.77 -18.83
N ARG A 181 -4.20 3.71 -18.06
CA ARG A 181 -2.97 3.53 -17.31
C ARG A 181 -2.41 2.13 -17.53
N ILE A 182 -1.10 2.06 -17.73
CA ILE A 182 -0.41 0.78 -17.78
C ILE A 182 0.88 0.93 -16.98
N TYR A 183 1.19 -0.06 -16.14
CA TYR A 183 2.37 0.08 -15.30
C TYR A 183 3.50 -0.86 -15.70
N PHE A 184 3.20 -1.87 -16.51
CA PHE A 184 4.23 -2.64 -17.18
C PHE A 184 5.11 -1.69 -18.00
N SER A 185 6.43 -1.90 -17.97
CA SER A 185 7.35 -0.98 -18.66
C SER A 185 7.48 -1.24 -20.15
N LYS A 186 7.56 -0.17 -20.93
CA LYS A 186 7.76 -0.29 -22.37
C LYS A 186 8.86 -1.31 -22.67
N GLN A 187 10.01 -1.14 -22.04
CA GLN A 187 11.08 -2.11 -22.22
C GLN A 187 10.50 -3.51 -22.19
N ARG A 188 9.78 -3.82 -21.13
CA ARG A 188 9.38 -5.20 -20.89
C ARG A 188 8.19 -5.62 -21.75
N LEU A 189 7.48 -4.64 -22.30
CA LEU A 189 6.35 -4.93 -23.19
C LEU A 189 6.88 -5.25 -24.57
N LYS A 190 7.88 -4.49 -25.01
CA LYS A 190 8.57 -4.82 -26.24
C LYS A 190 9.22 -6.20 -26.12
N GLN A 191 10.08 -6.38 -25.14
CA GLN A 191 10.76 -7.66 -24.95
C GLN A 191 9.79 -8.83 -25.05
N TYR A 192 8.71 -8.79 -24.28
CA TYR A 192 7.76 -9.90 -24.26
C TYR A 192 6.76 -9.90 -25.41
N GLU A 193 6.84 -8.86 -26.25
CA GLU A 193 5.95 -8.76 -27.39
C GLU A 193 4.53 -8.75 -26.87
N VAL A 194 4.09 -7.60 -26.36
CA VAL A 194 2.79 -7.52 -25.71
C VAL A 194 2.17 -6.15 -25.89
N ASP A 195 0.92 -6.13 -26.33
CA ASP A 195 0.16 -4.89 -26.43
C ASP A 195 -1.07 -5.02 -25.54
N ILE A 196 -1.13 -4.17 -24.52
CA ILE A 196 -2.22 -4.24 -23.56
C ILE A 196 -3.60 -4.10 -24.23
N ALA A 197 -3.78 -3.03 -25.00
CA ALA A 197 -5.04 -2.79 -25.71
C ALA A 197 -5.50 -4.03 -26.49
N GLU A 198 -4.55 -4.71 -27.13
CA GLU A 198 -4.91 -5.84 -27.96
C GLU A 198 -5.47 -6.96 -27.11
N VAL A 199 -4.75 -7.31 -26.06
CA VAL A 199 -5.19 -8.37 -25.14
C VAL A 199 -6.51 -7.98 -24.47
N TYR A 200 -6.67 -6.70 -24.19
CA TYR A 200 -7.90 -6.22 -23.58
C TYR A 200 -9.07 -6.28 -24.57
N GLN A 201 -8.77 -6.64 -25.81
CA GLN A 201 -9.81 -6.82 -26.81
C GLN A 201 -10.02 -8.31 -27.11
N ASN A 202 -8.93 -9.07 -27.15
CA ASN A 202 -8.97 -10.45 -27.65
C ASN A 202 -8.64 -11.50 -26.63
N GLY A 203 -8.72 -11.13 -25.35
CA GLY A 203 -8.39 -12.06 -24.29
C GLY A 203 -6.89 -12.32 -24.18
N VAL A 204 -6.52 -13.27 -23.34
CA VAL A 204 -5.11 -13.48 -23.04
C VAL A 204 -4.40 -14.24 -24.15
N ASN A 205 -3.11 -14.51 -23.94
CA ASN A 205 -2.31 -15.37 -24.80
C ASN A 205 -1.01 -15.71 -24.08
N ASN A 206 -0.19 -16.58 -24.66
CA ASN A 206 1.02 -17.06 -24.00
C ASN A 206 2.07 -15.98 -23.71
N HIS A 207 2.07 -14.90 -24.49
CA HIS A 207 3.03 -13.80 -24.27
C HIS A 207 2.65 -12.96 -23.05
N TYR A 208 1.35 -12.73 -22.85
CA TYR A 208 0.88 -11.98 -21.69
C TYR A 208 1.15 -12.72 -20.40
N ILE A 209 0.69 -13.96 -20.33
CA ILE A 209 0.99 -14.79 -19.17
C ILE A 209 2.45 -14.59 -18.81
N ASP A 210 3.31 -14.84 -19.78
CA ASP A 210 4.75 -14.80 -19.56
C ASP A 210 5.19 -13.47 -18.95
N LEU A 211 4.72 -12.36 -19.50
CA LEU A 211 5.04 -11.04 -18.97
C LEU A 211 4.49 -10.87 -17.56
N TRP A 212 3.25 -11.28 -17.38
CA TRP A 212 2.61 -11.20 -16.08
C TRP A 212 3.37 -12.05 -15.06
N GLU A 213 3.70 -13.28 -15.44
CA GLU A 213 4.37 -14.19 -14.53
C GLU A 213 5.80 -13.73 -14.27
N TYR A 214 6.35 -12.96 -15.20
CA TYR A 214 7.69 -12.43 -15.01
C TYR A 214 7.68 -11.47 -13.84
N TYR A 215 6.74 -10.53 -13.85
CA TYR A 215 6.55 -9.61 -12.73
C TYR A 215 6.12 -10.36 -11.45
N ALA A 216 5.24 -11.35 -11.59
CA ALA A 216 4.75 -12.10 -10.44
C ALA A 216 5.90 -12.76 -9.68
N ALA A 217 6.85 -13.33 -10.43
CA ALA A 217 7.99 -13.98 -9.81
C ALA A 217 8.81 -12.99 -8.99
N ILE A 218 8.72 -11.71 -9.36
CA ILE A 218 9.46 -10.66 -8.65
C ILE A 218 8.79 -10.36 -7.31
N ALA A 219 7.50 -10.07 -7.36
CA ALA A 219 6.71 -9.90 -6.13
C ALA A 219 6.97 -11.05 -5.19
N GLU A 220 6.73 -12.27 -5.67
CA GLU A 220 6.92 -13.48 -4.87
C GLU A 220 8.31 -13.60 -4.22
N LYS A 221 9.34 -13.12 -4.90
CA LYS A 221 10.70 -13.21 -4.37
C LYS A 221 10.97 -12.15 -3.31
N ASP A 222 10.41 -10.96 -3.49
CA ASP A 222 10.50 -9.95 -2.45
C ASP A 222 9.75 -10.45 -1.22
N PHE A 223 8.60 -11.07 -1.45
CA PHE A 223 7.78 -11.62 -0.38
C PHE A 223 8.61 -12.48 0.58
N ARG A 224 9.32 -13.46 0.02
CA ARG A 224 10.12 -14.38 0.83
C ARG A 224 11.25 -13.70 1.58
N ASP A 225 11.91 -12.74 0.94
CA ASP A 225 12.99 -12.01 1.57
C ASP A 225 12.46 -11.29 2.79
N VAL A 226 11.23 -10.80 2.65
CA VAL A 226 10.55 -10.13 3.74
C VAL A 226 10.23 -11.12 4.84
N MET A 227 9.62 -12.24 4.49
CA MET A 227 9.29 -13.26 5.47
C MET A 227 10.55 -13.73 6.21
N ASP A 228 11.63 -13.95 5.46
CA ASP A 228 12.91 -14.32 6.05
C ASP A 228 13.37 -13.31 7.09
N GLN A 229 13.02 -12.03 6.89
CA GLN A 229 13.48 -10.99 7.80
C GLN A 229 12.36 -10.43 8.69
N ILE A 230 11.23 -11.13 8.72
CA ILE A 230 10.12 -10.75 9.55
C ILE A 230 10.57 -10.35 10.94
N LYS A 231 11.71 -10.87 11.39
CA LYS A 231 12.14 -10.67 12.78
C LYS A 231 12.46 -9.21 13.12
N VAL A 232 12.59 -8.35 12.11
CA VAL A 232 12.87 -6.95 12.34
C VAL A 232 11.69 -6.26 13.03
N PHE A 233 10.52 -6.89 12.94
CA PHE A 233 9.31 -6.33 13.52
C PHE A 233 9.05 -6.83 14.92
N SER A 234 8.25 -6.07 15.66
CA SER A 234 7.85 -6.43 17.01
C SER A 234 7.12 -7.75 16.96
N ILE A 235 7.09 -8.43 18.10
CA ILE A 235 6.49 -9.76 18.18
C ILE A 235 5.01 -9.74 17.87
N GLU A 236 4.30 -8.73 18.35
CA GLU A 236 2.88 -8.64 18.11
C GLU A 236 2.55 -8.39 16.62
N ALA A 237 3.45 -7.70 15.92
CA ALA A 237 3.21 -7.31 14.52
C ALA A 237 3.63 -8.37 13.50
N GLN A 238 4.65 -9.15 13.82
CA GLN A 238 5.12 -10.18 12.89
C GLN A 238 3.98 -11.00 12.29
N PRO A 239 3.16 -11.64 13.15
CA PRO A 239 2.06 -12.45 12.61
C PRO A 239 1.06 -11.65 11.77
N ILE A 240 0.89 -10.36 12.11
CA ILE A 240 -0.07 -9.51 11.40
C ILE A 240 0.46 -9.16 10.01
N ILE A 241 1.72 -8.75 9.97
CA ILE A 241 2.39 -8.39 8.73
C ILE A 241 2.41 -9.59 7.80
N GLU A 242 2.82 -10.74 8.33
CA GLU A 242 2.79 -11.98 7.57
C GLU A 242 1.38 -12.32 7.07
N LEU A 243 0.38 -12.09 7.90
CA LEU A 243 -0.97 -12.36 7.46
C LEU A 243 -1.30 -11.42 6.30
N ALA A 244 -1.05 -10.13 6.51
CA ALA A 244 -1.26 -9.13 5.45
C ALA A 244 -0.57 -9.53 4.14
N ALA A 245 0.64 -10.04 4.26
CA ALA A 245 1.43 -10.40 3.10
C ALA A 245 0.79 -11.61 2.41
N ARG A 246 0.63 -12.68 3.18
CA ARG A 246 0.06 -13.93 2.65
C ARG A 246 -1.25 -13.70 1.93
N ILE A 247 -2.02 -12.75 2.41
CA ILE A 247 -3.29 -12.47 1.76
C ILE A 247 -3.05 -11.86 0.39
N TYR A 248 -2.17 -10.86 0.34
CA TYR A 248 -1.88 -10.23 -0.95
C TYR A 248 -1.21 -11.19 -1.93
N ILE A 249 -0.37 -12.08 -1.41
CA ILE A 249 0.17 -13.15 -2.24
C ILE A 249 -0.92 -14.00 -2.85
N GLU A 250 -1.80 -14.50 -1.99
CA GLU A 250 -2.89 -15.36 -2.42
C GLU A 250 -3.65 -14.76 -3.60
N ILE A 251 -3.56 -13.44 -3.76
CA ILE A 251 -4.27 -12.77 -4.85
C ILE A 251 -3.60 -13.12 -6.17
N LEU A 252 -2.35 -13.55 -6.08
CA LEU A 252 -1.62 -13.95 -7.26
C LEU A 252 -2.29 -15.20 -7.82
N ASP A 253 -2.57 -16.16 -6.95
CA ASP A 253 -3.29 -17.38 -7.33
C ASP A 253 -4.66 -17.06 -7.87
N GLU A 254 -5.42 -16.25 -7.15
CA GLU A 254 -6.73 -15.83 -7.63
C GLU A 254 -6.72 -15.43 -9.10
N VAL A 255 -5.71 -14.64 -9.50
CA VAL A 255 -5.64 -14.12 -10.86
C VAL A 255 -5.40 -15.22 -11.90
N ARG A 256 -4.55 -16.18 -11.54
CA ARG A 256 -4.30 -17.34 -12.39
C ARG A 256 -5.58 -18.18 -12.48
N GLN A 257 -6.30 -18.24 -11.37
CA GLN A 257 -7.52 -19.00 -11.24
C GLN A 257 -8.55 -18.46 -12.21
N ALA A 258 -8.56 -17.14 -12.38
CA ALA A 258 -9.50 -16.51 -13.29
C ALA A 258 -8.83 -16.30 -14.64
N ASN A 259 -7.78 -17.08 -14.88
CA ASN A 259 -7.09 -17.05 -16.15
C ASN A 259 -6.79 -15.60 -16.61
N TYR A 260 -6.31 -14.81 -15.66
CA TYR A 260 -5.73 -13.50 -15.93
C TYR A 260 -6.69 -12.50 -16.57
N THR A 261 -7.98 -12.67 -16.36
CA THR A 261 -8.94 -11.78 -17.01
C THR A 261 -8.59 -10.31 -16.83
N LEU A 262 -8.92 -9.51 -17.83
CA LEU A 262 -8.70 -8.08 -17.73
C LEU A 262 -10.04 -7.37 -17.69
N HIS A 263 -11.10 -8.10 -17.36
CA HIS A 263 -12.43 -7.48 -17.29
C HIS A 263 -13.14 -7.73 -15.97
N GLU A 264 -12.44 -8.26 -14.98
CA GLU A 264 -13.01 -8.35 -13.64
C GLU A 264 -11.94 -8.31 -12.55
N ARG A 265 -12.25 -7.61 -11.46
CA ARG A 265 -11.38 -7.60 -10.29
C ARG A 265 -11.56 -8.86 -9.46
N VAL A 266 -10.48 -9.63 -9.32
CA VAL A 266 -10.49 -10.77 -8.42
C VAL A 266 -10.35 -10.34 -6.96
N PHE A 267 -10.64 -11.25 -6.04
CA PHE A 267 -10.56 -10.93 -4.61
C PHE A 267 -10.39 -12.20 -3.80
N VAL A 268 -9.91 -12.05 -2.57
CA VAL A 268 -9.81 -13.17 -1.66
C VAL A 268 -10.97 -13.10 -0.69
N GLU A 269 -11.78 -14.15 -0.66
CA GLU A 269 -12.95 -14.20 0.21
C GLU A 269 -12.55 -14.09 1.66
N LYS A 270 -13.32 -13.32 2.42
CA LYS A 270 -13.08 -13.17 3.84
C LYS A 270 -12.78 -14.53 4.48
N ARG A 271 -13.55 -15.54 4.11
CA ARG A 271 -13.39 -16.88 4.68
C ARG A 271 -11.99 -17.44 4.46
N LYS A 272 -11.45 -17.22 3.26
CA LYS A 272 -10.07 -17.64 2.95
C LYS A 272 -9.02 -16.86 3.76
N LYS A 273 -9.31 -15.60 4.07
CA LYS A 273 -8.42 -14.81 4.92
C LYS A 273 -8.29 -15.47 6.29
N ALA A 274 -9.42 -15.89 6.86
CA ALA A 274 -9.39 -16.54 8.18
C ALA A 274 -8.61 -17.84 8.14
N LYS A 275 -8.76 -18.57 7.02
CA LYS A 275 -8.01 -19.81 6.85
C LYS A 275 -6.51 -19.53 6.92
N LEU A 276 -6.06 -18.51 6.17
CA LEU A 276 -4.66 -18.11 6.21
C LEU A 276 -4.24 -17.71 7.61
N PHE A 277 -5.07 -16.91 8.28
CA PHE A 277 -4.76 -16.50 9.64
C PHE A 277 -4.54 -17.72 10.52
N HIS A 278 -5.47 -18.68 10.44
CA HIS A 278 -5.29 -19.94 11.17
C HIS A 278 -3.96 -20.60 10.86
N GLU A 279 -3.66 -20.76 9.57
CA GLU A 279 -2.41 -21.39 9.15
C GLU A 279 -1.25 -20.70 9.82
N ILE A 280 -1.29 -19.37 9.78
CA ILE A 280 -0.25 -18.53 10.37
C ILE A 280 -0.41 -18.48 11.89
N ASN A 281 -1.63 -18.21 12.34
CA ASN A 281 -1.96 -18.11 13.77
C ASN A 281 -1.59 -19.41 14.51
N SER A 282 -1.65 -20.54 13.81
CA SER A 282 -1.36 -21.83 14.40
C SER A 282 -0.01 -21.85 15.09
N LYS A 283 1.03 -21.54 14.33
CA LYS A 283 2.40 -21.58 14.85
C LYS A 283 2.93 -20.18 15.22
N TYR A 284 2.22 -19.52 16.14
CA TYR A 284 2.65 -18.23 16.68
C TYR A 284 2.22 -18.06 18.14
CAA 3RX B . 3.51 -1.66 3.91
CAA 3RX B . -1.34 2.88 5.61
CAB 3RX B . 0.91 -1.58 3.87
CAB 3RX B . -2.03 0.51 4.82
CAC 3RX B . -0.46 -1.48 -1.39
CAC 3RX B . -3.65 4.02 0.23
CAD 3RX B . 2.12 -0.78 2.00
CAD 3RX B . -2.06 2.56 3.29
CAE 3RX B . -0.57 1.08 -1.44
CAE 3RX B . -1.21 4.48 -0.30
CAF 3RX B . 0.89 -0.56 1.43
CAF 3RX B . -2.54 1.99 2.12
CAG 3RX B . -1.49 1.33 -2.42
CAG 3RX B . -1.31 5.68 -0.95
CAH 3RX B . -1.90 3.25 -3.87
CAH 3RX B . -1.18 4.24 -2.94
CAI 3RX B . -1.45 4.70 -3.81
CAI 3RX B . -1.77 4.18 -4.34
CAJ 3RX B . 1.06 0.14 0.12
CAJ 3RX B . -1.73 2.39 0.93
CAK 3RX B . -3.73 7.29 -8.64
CAK 3RX B . -3.81 7.33 -8.63
CAL 3RX B . -1.34 7.01 -8.07
CAL 3RX B . -1.40 7.05 -8.24
CAM 3RX B . -2.87 7.92 -6.42
CAM 3RX B . -2.81 7.99 -6.49
CAN 3RX B . -2.79 5.03 -8.33
CAN 3RX B . -2.90 5.07 -8.37
CAO 3RX B . -4.28 5.96 -6.59
CAO 3RX B . -4.25 6.04 -6.55
NAP 3RX B . -0.89 2.41 -3.22
NAP 3RX B . -1.52 5.54 -2.38
NAQ 3RX B . -2.30 5.55 -4.69
NAQ 3RX B . -1.99 5.55 -4.82
CAR 3RX B . 2.21 -1.30 3.23
CAR 3RX B . -1.83 1.98 4.51
CAS 3RX B . -0.04 -0.09 -0.90
CAS 3RX B . -2.18 3.68 0.27
CAT 3RX B . -2.50 6.43 -8.84
CAT 3RX B . -2.62 6.46 -8.91
CAU 3RX B . -4.04 7.34 -7.16
CAU 3RX B . -4.03 7.41 -7.13
CAV 3RX B . -1.69 6.99 -6.60
CAV 3RX B . -1.64 7.05 -6.76
CAW 3RX B . -3.10 5.07 -6.85
CAW 3RX B . -3.09 5.12 -6.88
CAX 3RX B . -1.93 5.58 -6.11
CAX 3RX B . -1.87 5.64 -6.26
#